data_7YH6
#
_entry.id   7YH6
#
_cell.length_a   1.00
_cell.length_b   1.00
_cell.length_c   1.00
_cell.angle_alpha   90.00
_cell.angle_beta   90.00
_cell.angle_gamma   90.00
#
_symmetry.space_group_name_H-M   'P 1'
#
loop_
_entity.id
_entity.type
_entity.pdbx_description
1 polymer 'NIV-8 Fab light chain'
2 polymer 'NIV-8 Fab heavy chain'
3 polymer 'Spike protein S1'
4 non-polymer 2-acetamido-2-deoxy-beta-D-glucopyranose
#
loop_
_entity_poly.entity_id
_entity_poly.type
_entity_poly.pdbx_seq_one_letter_code
_entity_poly.pdbx_strand_id
1 'polypeptide(L)'
;QSVLTQPPSVSGAPGQRVTISCTGSSSNIGAGYDVHWYQQLPGRAPKLLIFDNNNRPSGVPDRFSGSKSGTSASLAITGL
QTEDEAYYYCQSYDNSLILAVFGGGTKVTVL
;
L
2 'polypeptide(L)'
;EVQLVESGGGVVQPGRSLRLSCAASGFKFSKFAMHWVRQAPGKGPEWVAVISYDGNQYHSADSVKGRFTISRDNSFNTLY
LQMNSLGPEDTAVYYCARDGPDTSGYYANIYFDFWGQGTLVTVSS
;
H
3 'polypeptide(L)'
;TNLCPFGEVFNATRFASVYAWNRKRISNCVADYSVLYNSASFSTFKCYGVSPTKLNDLCFTNVYADSFVIRGDEVRQIAP
GQTGKIADYNYKLPDDFTGCVIAWNSNNLDSKVGGNYNYLYRLFRKSNLKPFERDISTEIYQAGSTPCNGVEGFNCYFPL
QSYGFQPTNGVGYQPYRVVVLSFELLHAPATVCG
;
A
#
# COMPACT_ATOMS: atom_id res chain seq x y z
N GLN A 1 -7.23 22.39 4.39
CA GLN A 1 -8.56 21.96 4.79
C GLN A 1 -8.56 20.46 5.10
N SER A 2 -9.62 20.00 5.76
CA SER A 2 -9.75 18.59 6.14
C SER A 2 -10.82 17.93 5.27
N VAL A 3 -10.44 16.87 4.58
CA VAL A 3 -11.41 16.14 3.76
C VAL A 3 -12.39 15.37 4.64
N LEU A 4 -11.88 14.69 5.67
CA LEU A 4 -12.75 13.95 6.57
C LEU A 4 -13.51 14.91 7.48
N THR A 5 -14.77 14.58 7.74
CA THR A 5 -15.64 15.41 8.57
C THR A 5 -15.69 14.86 9.98
N GLN A 6 -15.45 15.73 10.96
CA GLN A 6 -15.36 15.32 12.36
C GLN A 6 -16.09 16.34 13.23
N PRO A 7 -16.74 15.89 14.29
CA PRO A 7 -17.43 16.83 15.18
C PRO A 7 -16.44 17.77 15.84
N PRO A 8 -16.86 18.99 16.17
CA PRO A 8 -15.89 19.96 16.72
C PRO A 8 -15.47 19.66 18.14
N SER A 9 -16.39 19.21 19.00
CA SER A 9 -16.05 18.94 20.38
C SER A 9 -17.01 17.92 20.97
N VAL A 10 -16.50 17.12 21.90
CA VAL A 10 -17.29 16.12 22.62
C VAL A 10 -17.07 16.32 24.11
N SER A 11 -18.16 16.49 24.84
CA SER A 11 -18.11 16.65 26.29
C SER A 11 -18.24 15.30 26.97
N GLY A 12 -18.04 15.31 28.29
CA GLY A 12 -18.21 14.09 29.06
C GLY A 12 -17.83 14.32 30.50
N ALA A 13 -18.14 13.32 31.31
CA ALA A 13 -17.84 13.27 32.74
C ALA A 13 -17.21 11.92 33.06
N PRO A 14 -16.42 11.84 34.13
CA PRO A 14 -15.82 10.55 34.49
C PRO A 14 -16.88 9.50 34.77
N GLY A 15 -16.61 8.28 34.33
CA GLY A 15 -17.49 7.17 34.62
C GLY A 15 -18.17 6.57 33.41
N GLN A 16 -18.65 7.39 32.49
CA GLN A 16 -19.40 6.92 31.34
C GLN A 16 -18.53 6.96 30.09
N ARG A 17 -19.16 6.67 28.95
CA ARG A 17 -18.47 6.55 27.68
C ARG A 17 -18.80 7.73 26.77
N VAL A 18 -17.87 8.02 25.87
CA VAL A 18 -18.04 9.01 24.82
C VAL A 18 -17.56 8.40 23.51
N THR A 19 -18.12 8.88 22.40
CA THR A 19 -17.80 8.37 21.08
C THR A 19 -17.51 9.50 20.12
N ILE A 20 -16.56 9.28 19.21
CA ILE A 20 -16.20 10.23 18.17
C ILE A 20 -16.43 9.56 16.83
N SER A 21 -17.21 10.21 15.96
CA SER A 21 -17.56 9.68 14.65
C SER A 21 -16.83 10.44 13.56
N CYS A 22 -16.10 9.72 12.72
CA CYS A 22 -15.31 10.31 11.63
C CYS A 22 -15.87 9.76 10.32
N THR A 23 -16.58 10.62 9.58
CA THR A 23 -17.25 10.21 8.36
C THR A 23 -16.47 10.67 7.13
N GLY A 24 -16.51 9.84 6.09
CA GLY A 24 -15.74 10.10 4.89
C GLY A 24 -16.59 9.97 3.64
N SER A 25 -15.96 10.24 2.51
CA SER A 25 -16.62 10.25 1.21
C SER A 25 -16.56 8.86 0.58
N SER A 26 -16.86 8.78 -0.72
CA SER A 26 -16.84 7.51 -1.42
C SER A 26 -15.41 7.03 -1.66
N SER A 27 -14.53 7.94 -2.09
CA SER A 27 -13.19 7.53 -2.47
C SER A 27 -12.33 7.18 -1.26
N ASN A 28 -12.37 8.00 -0.22
CA ASN A 28 -11.39 7.88 0.86
C ASN A 28 -11.61 6.63 1.69
N ILE A 29 -12.85 6.39 2.15
CA ILE A 29 -13.16 5.29 3.05
C ILE A 29 -14.04 4.24 2.37
N GLY A 30 -15.00 4.69 1.57
CA GLY A 30 -15.88 3.76 0.88
C GLY A 30 -15.14 2.83 -0.06
N ALA A 31 -13.95 3.21 -0.51
CA ALA A 31 -13.17 2.32 -1.37
C ALA A 31 -12.76 1.06 -0.62
N GLY A 32 -12.39 1.18 0.64
CA GLY A 32 -12.02 0.03 1.44
C GLY A 32 -10.81 0.25 2.31
N TYR A 33 -10.20 1.42 2.20
CA TYR A 33 -9.03 1.72 3.01
C TYR A 33 -9.41 1.86 4.47
N ASP A 34 -8.46 1.58 5.35
CA ASP A 34 -8.71 1.51 6.78
C ASP A 34 -8.64 2.91 7.40
N VAL A 35 -8.80 2.97 8.71
CA VAL A 35 -8.85 4.23 9.45
C VAL A 35 -7.94 4.12 10.66
N HIS A 36 -7.14 5.16 10.91
CA HIS A 36 -6.21 5.20 12.03
C HIS A 36 -6.48 6.43 12.87
N TRP A 37 -6.11 6.37 14.15
CA TRP A 37 -6.37 7.45 15.09
C TRP A 37 -5.11 7.80 15.85
N TYR A 38 -4.91 9.11 16.08
CA TYR A 38 -3.77 9.61 16.84
C TYR A 38 -4.27 10.45 18.00
N GLN A 39 -3.43 10.60 19.02
CA GLN A 39 -3.75 11.43 20.18
C GLN A 39 -2.65 12.46 20.36
N GLN A 40 -3.04 13.72 20.50
CA GLN A 40 -2.10 14.83 20.63
C GLN A 40 -2.35 15.53 21.96
N LEU A 41 -1.46 15.34 22.91
CA LEU A 41 -1.54 16.05 24.17
C LEU A 41 -1.25 17.53 23.94
N PRO A 42 -1.77 18.41 24.79
CA PRO A 42 -1.51 19.85 24.62
C PRO A 42 -0.03 20.15 24.80
N GLY A 43 0.59 20.69 23.75
CA GLY A 43 2.01 21.02 23.80
C GLY A 43 2.94 19.89 23.50
N ARG A 44 2.46 18.80 22.89
CA ARG A 44 3.29 17.66 22.55
C ARG A 44 3.00 17.22 21.13
N ALA A 45 3.94 16.51 20.54
CA ALA A 45 3.73 15.99 19.20
C ALA A 45 2.67 14.89 19.21
N PRO A 46 1.89 14.77 18.14
CA PRO A 46 0.88 13.71 18.08
C PRO A 46 1.53 12.33 18.18
N LYS A 47 0.82 11.41 18.83
CA LYS A 47 1.29 10.06 19.06
C LYS A 47 0.26 9.08 18.54
N LEU A 48 0.73 8.01 17.89
CA LEU A 48 -0.17 7.00 17.38
C LEU A 48 -0.94 6.34 18.52
N LEU A 49 -2.26 6.22 18.34
CA LEU A 49 -3.12 5.67 19.38
C LEU A 49 -3.85 4.41 18.95
N ILE A 50 -4.44 4.40 17.76
CA ILE A 50 -5.16 3.23 17.27
C ILE A 50 -4.80 3.01 15.80
N PHE A 51 -3.86 2.13 15.54
CA PHE A 51 -3.47 1.85 14.16
C PHE A 51 -4.30 0.69 13.63
N ASP A 52 -4.74 0.82 12.38
CA ASP A 52 -5.69 -0.10 11.75
C ASP A 52 -7.01 -0.07 12.50
N ASN A 53 -8.02 -0.75 11.96
CA ASN A 53 -9.30 -0.82 12.65
C ASN A 53 -9.13 -1.55 13.98
N ASN A 54 -9.38 -0.83 15.07
CA ASN A 54 -9.07 -1.31 16.42
C ASN A 54 -7.58 -1.63 16.43
N ASN A 55 -7.15 -2.81 16.88
CA ASN A 55 -5.75 -3.24 16.79
C ASN A 55 -4.83 -2.24 17.51
N ARG A 56 -5.03 -2.16 18.82
CA ARG A 56 -4.28 -1.23 19.65
C ARG A 56 -2.79 -1.56 19.60
N PRO A 57 -1.91 -0.56 19.63
CA PRO A 57 -0.46 -0.83 19.64
C PRO A 57 0.04 -1.13 21.04
N SER A 58 1.36 -1.26 21.18
CA SER A 58 1.95 -1.50 22.49
C SER A 58 1.81 -0.28 23.39
N GLY A 59 1.75 -0.53 24.69
CA GLY A 59 1.74 0.53 25.68
C GLY A 59 0.53 1.44 25.65
N VAL A 60 -0.67 0.87 25.53
CA VAL A 60 -1.90 1.66 25.54
C VAL A 60 -2.94 0.96 26.40
N PRO A 61 -3.76 1.69 27.15
CA PRO A 61 -4.84 1.05 27.90
C PRO A 61 -5.92 0.53 26.95
N ASP A 62 -6.74 -0.38 27.50
CA ASP A 62 -7.81 -1.00 26.72
C ASP A 62 -9.06 -0.14 26.65
N ARG A 63 -9.07 1.02 27.30
CA ARG A 63 -10.25 1.88 27.29
C ARG A 63 -10.58 2.41 25.89
N PHE A 64 -9.64 2.32 24.96
CA PHE A 64 -9.81 2.88 23.63
C PHE A 64 -10.12 1.77 22.63
N SER A 65 -11.26 1.87 21.97
CA SER A 65 -11.66 0.93 20.93
C SER A 65 -12.26 1.70 19.76
N GLY A 66 -12.16 1.12 18.57
CA GLY A 66 -12.68 1.76 17.39
C GLY A 66 -13.19 0.72 16.40
N SER A 67 -14.04 1.18 15.48
CA SER A 67 -14.60 0.31 14.47
C SER A 67 -14.96 1.13 13.24
N LYS A 68 -15.06 0.44 12.11
CA LYS A 68 -15.34 1.09 10.83
C LYS A 68 -16.45 0.33 10.12
N SER A 69 -17.41 1.06 9.58
CA SER A 69 -18.52 0.45 8.87
C SER A 69 -19.03 1.40 7.81
N GLY A 70 -19.35 0.86 6.64
CA GLY A 70 -19.89 1.66 5.56
C GLY A 70 -18.95 2.75 5.09
N THR A 71 -19.27 4.00 5.42
CA THR A 71 -18.48 5.14 5.03
C THR A 71 -18.12 6.02 6.23
N SER A 72 -18.13 5.44 7.43
CA SER A 72 -17.84 6.19 8.64
C SER A 72 -17.10 5.28 9.62
N ALA A 73 -16.44 5.91 10.59
CA ALA A 73 -15.74 5.19 11.64
C ALA A 73 -16.01 5.87 12.97
N SER A 74 -15.89 5.11 14.04
CA SER A 74 -16.16 5.61 15.37
C SER A 74 -15.13 5.09 16.37
N LEU A 75 -14.70 5.96 17.28
CA LEU A 75 -13.78 5.60 18.35
C LEU A 75 -14.51 5.71 19.67
N ALA A 76 -14.33 4.72 20.53
CA ALA A 76 -15.05 4.62 21.79
C ALA A 76 -14.07 4.70 22.94
N ILE A 77 -14.40 5.52 23.94
CA ILE A 77 -13.63 5.66 25.17
C ILE A 77 -14.48 5.15 26.32
N THR A 78 -13.95 4.20 27.09
CA THR A 78 -14.69 3.55 28.16
C THR A 78 -14.09 3.93 29.51
N GLY A 79 -14.97 4.25 30.47
CA GLY A 79 -14.53 4.57 31.81
C GLY A 79 -13.64 5.80 31.86
N LEU A 80 -14.06 6.87 31.22
CA LEU A 80 -13.23 8.06 31.02
C LEU A 80 -12.71 8.60 32.33
N GLN A 81 -11.44 9.03 32.32
CA GLN A 81 -10.84 9.72 33.45
C GLN A 81 -10.62 11.19 33.08
N THR A 82 -9.96 11.92 33.97
CA THR A 82 -9.58 13.29 33.70
C THR A 82 -8.28 13.41 32.92
N GLU A 83 -7.60 12.29 32.66
CA GLU A 83 -6.31 12.32 31.99
C GLU A 83 -6.43 12.48 30.48
N ASP A 84 -7.62 12.28 29.92
CA ASP A 84 -7.79 12.23 28.47
C ASP A 84 -8.10 13.58 27.85
N GLU A 85 -7.74 14.67 28.51
CA GLU A 85 -7.96 16.02 27.99
C GLU A 85 -6.95 16.29 26.87
N ALA A 86 -7.36 16.08 25.62
CA ALA A 86 -6.45 16.24 24.49
C ALA A 86 -7.26 16.29 23.21
N TYR A 87 -6.55 16.31 22.08
CA TYR A 87 -7.14 16.27 20.76
C TYR A 87 -6.99 14.88 20.17
N TYR A 88 -7.93 14.50 19.30
CA TYR A 88 -7.90 13.20 18.64
C TYR A 88 -8.20 13.39 17.17
N TYR A 89 -7.44 12.70 16.32
CA TYR A 89 -7.53 12.87 14.87
C TYR A 89 -7.77 11.52 14.22
N CYS A 90 -8.49 11.53 13.09
CA CYS A 90 -8.71 10.35 12.28
C CYS A 90 -8.02 10.53 10.93
N GLN A 91 -7.34 9.49 10.47
CA GLN A 91 -6.55 9.57 9.25
C GLN A 91 -6.88 8.40 8.34
N SER A 92 -6.80 8.63 7.03
CA SER A 92 -7.06 7.60 6.05
C SER A 92 -6.31 7.95 4.76
N TYR A 93 -6.65 7.27 3.68
CA TYR A 93 -6.01 7.48 2.39
C TYR A 93 -7.07 7.67 1.31
N ASP A 94 -6.74 8.49 0.31
CA ASP A 94 -7.67 8.82 -0.77
C ASP A 94 -7.03 8.49 -2.10
N ASN A 95 -7.76 7.79 -2.96
CA ASN A 95 -7.22 7.32 -4.24
C ASN A 95 -7.55 8.23 -5.41
N SER A 96 -8.38 9.24 -5.22
CA SER A 96 -8.66 10.20 -6.28
C SER A 96 -7.73 11.41 -6.20
N LEU A 97 -7.66 12.04 -5.02
CA LEU A 97 -6.72 13.14 -4.81
C LEU A 97 -5.28 12.67 -4.71
N ILE A 98 -5.07 11.38 -4.39
CA ILE A 98 -3.76 10.75 -4.36
C ILE A 98 -2.89 11.39 -3.29
N LEU A 99 -3.36 11.37 -2.04
CA LEU A 99 -2.53 11.74 -0.89
C LEU A 99 -3.28 11.32 0.37
N ALA A 100 -2.52 11.18 1.46
CA ALA A 100 -3.11 10.86 2.74
C ALA A 100 -3.87 12.07 3.29
N VAL A 101 -5.00 11.80 3.94
CA VAL A 101 -5.88 12.86 4.41
C VAL A 101 -6.07 12.74 5.91
N PHE A 102 -6.37 13.87 6.55
CA PHE A 102 -6.51 13.95 8.00
C PHE A 102 -7.88 14.52 8.35
N GLY A 103 -8.34 14.19 9.54
CA GLY A 103 -9.60 14.70 10.02
C GLY A 103 -9.46 16.08 10.65
N GLY A 104 -10.61 16.66 10.97
CA GLY A 104 -10.62 17.98 11.57
C GLY A 104 -10.21 18.00 13.03
N GLY A 105 -10.29 16.87 13.72
CA GLY A 105 -9.90 16.80 15.10
C GLY A 105 -11.01 17.15 16.06
N THR A 106 -11.09 16.42 17.18
CA THR A 106 -12.11 16.64 18.19
C THR A 106 -11.44 16.84 19.54
N LYS A 107 -11.84 17.89 20.25
CA LYS A 107 -11.31 18.16 21.59
C LYS A 107 -12.23 17.52 22.61
N VAL A 108 -11.80 16.39 23.18
CA VAL A 108 -12.59 15.70 24.19
C VAL A 108 -12.46 16.45 25.50
N THR A 109 -13.59 16.85 26.08
CA THR A 109 -13.62 17.60 27.32
C THR A 109 -14.22 16.75 28.44
N VAL A 110 -13.56 16.77 29.60
CA VAL A 110 -14.00 16.02 30.77
C VAL A 110 -14.51 17.01 31.80
N LEU A 111 -15.76 16.84 32.21
CA LEU A 111 -16.37 17.75 33.18
C LEU A 111 -16.07 17.28 34.60
N GLU B 1 15.60 2.91 21.68
CA GLU B 1 14.34 3.62 21.51
C GLU B 1 14.37 4.46 20.24
N VAL B 2 13.25 4.48 19.53
CA VAL B 2 13.13 5.26 18.31
C VAL B 2 12.89 6.72 18.68
N GLN B 3 13.80 7.59 18.26
CA GLN B 3 13.67 9.02 18.54
C GLN B 3 14.18 9.80 17.34
N LEU B 4 13.51 10.92 17.06
CA LEU B 4 13.87 11.76 15.95
C LEU B 4 13.90 13.21 16.41
N VAL B 5 14.95 13.94 16.03
CA VAL B 5 15.14 15.32 16.44
C VAL B 5 15.37 16.15 15.18
N GLU B 6 14.67 17.27 15.07
CA GLU B 6 14.74 18.15 13.91
C GLU B 6 15.22 19.54 14.32
N SER B 7 15.77 20.26 13.36
CA SER B 7 16.22 21.63 13.58
C SER B 7 16.29 22.34 12.24
N GLY B 8 16.33 23.67 12.30
CA GLY B 8 16.46 24.47 11.10
C GLY B 8 15.36 25.50 10.92
N GLY B 9 14.50 25.64 11.92
CA GLY B 9 13.39 26.58 11.83
C GLY B 9 13.75 27.95 12.39
N GLY B 10 13.13 28.97 11.81
CA GLY B 10 13.35 30.32 12.26
C GLY B 10 12.51 31.30 11.46
N VAL B 11 12.53 32.55 11.91
CA VAL B 11 11.78 33.62 11.27
C VAL B 11 12.50 34.04 10.00
N VAL B 12 11.75 34.29 8.93
CA VAL B 12 12.33 34.71 7.66
C VAL B 12 11.36 35.64 6.97
N GLN B 13 11.90 36.59 6.20
CA GLN B 13 11.09 37.46 5.38
C GLN B 13 10.58 36.70 4.15
N PRO B 14 9.42 37.08 3.62
CA PRO B 14 8.86 36.36 2.48
C PRO B 14 9.77 36.43 1.26
N GLY B 15 9.76 35.34 0.48
CA GLY B 15 10.52 35.27 -0.75
C GLY B 15 11.84 34.52 -0.64
N ARG B 16 12.31 34.26 0.57
CA ARG B 16 13.60 33.61 0.75
C ARG B 16 13.44 32.10 0.67
N SER B 17 14.52 31.38 0.99
CA SER B 17 14.54 29.93 0.96
C SER B 17 15.19 29.40 2.23
N LEU B 18 14.69 28.26 2.71
CA LEU B 18 15.18 27.64 3.94
C LEU B 18 15.44 26.16 3.70
N ARG B 19 16.20 25.57 4.62
CA ARG B 19 16.51 24.14 4.54
C ARG B 19 16.68 23.62 5.95
N LEU B 20 15.94 22.56 6.28
CA LEU B 20 15.93 21.99 7.61
C LEU B 20 15.96 20.47 7.51
N SER B 21 16.31 19.82 8.62
CA SER B 21 16.53 18.37 8.61
C SER B 21 16.24 17.80 9.99
N CYS B 22 15.99 16.49 10.02
CA CYS B 22 15.91 15.75 11.27
C CYS B 22 16.79 14.52 11.16
N ALA B 23 17.41 14.16 12.27
CA ALA B 23 18.36 13.05 12.33
C ALA B 23 17.79 11.93 13.16
N ALA B 24 17.75 10.73 12.59
CA ALA B 24 17.20 9.57 13.26
C ALA B 24 18.28 8.82 14.01
N SER B 25 17.86 7.93 14.89
CA SER B 25 18.78 7.11 15.68
C SER B 25 17.98 6.00 16.36
N GLY B 26 18.60 4.83 16.49
CA GLY B 26 17.99 3.71 17.18
C GLY B 26 17.38 2.65 16.30
N PHE B 27 17.45 2.80 14.98
CA PHE B 27 16.90 1.80 14.07
C PHE B 27 17.60 1.91 12.73
N LYS B 28 17.42 0.90 11.90
CA LYS B 28 18.06 0.87 10.58
C LYS B 28 17.40 1.91 9.70
N PHE B 29 18.07 3.06 9.56
CA PHE B 29 17.48 4.17 8.82
C PHE B 29 17.27 3.86 7.35
N SER B 30 18.02 2.90 6.80
CA SER B 30 17.91 2.62 5.37
C SER B 30 16.64 1.88 5.01
N LYS B 31 16.09 1.10 5.93
CA LYS B 31 15.00 0.20 5.58
C LYS B 31 13.65 0.87 5.44
N PHE B 32 13.42 1.99 6.13
CA PHE B 32 12.10 2.59 6.23
C PHE B 32 12.02 3.87 5.41
N ALA B 33 10.91 4.03 4.69
CA ALA B 33 10.63 5.30 4.03
C ALA B 33 10.26 6.35 5.06
N MET B 34 10.28 7.61 4.63
CA MET B 34 10.01 8.72 5.54
C MET B 34 9.06 9.72 4.90
N HIS B 35 8.30 10.41 5.75
CA HIS B 35 7.34 11.41 5.34
C HIS B 35 7.58 12.71 6.11
N TRP B 36 7.17 13.81 5.50
CA TRP B 36 7.20 15.13 6.14
C TRP B 36 5.77 15.60 6.29
N VAL B 37 5.39 15.99 7.51
CA VAL B 37 4.03 16.40 7.81
C VAL B 37 4.07 17.71 8.58
N ARG B 38 3.27 18.68 8.13
CA ARG B 38 3.18 19.99 8.76
C ARG B 38 1.81 20.16 9.41
N GLN B 39 1.73 21.10 10.34
CA GLN B 39 0.50 21.38 11.06
C GLN B 39 0.36 22.87 11.26
N ALA B 40 -0.61 23.48 10.60
CA ALA B 40 -0.88 24.89 10.79
C ALA B 40 -1.39 25.15 12.21
N PRO B 41 -1.17 26.33 12.75
CA PRO B 41 -1.64 26.62 14.12
C PRO B 41 -3.15 26.79 14.14
N GLY B 42 -3.83 25.91 14.87
CA GLY B 42 -5.27 25.95 15.01
C GLY B 42 -6.03 24.94 14.18
N LYS B 43 -5.38 24.33 13.20
CA LYS B 43 -6.03 23.37 12.31
C LYS B 43 -5.41 21.99 12.48
N GLY B 44 -5.86 21.05 11.65
CA GLY B 44 -5.35 19.71 11.67
C GLY B 44 -4.10 19.56 10.83
N PRO B 45 -3.41 18.43 11.02
CA PRO B 45 -2.18 18.18 10.27
C PRO B 45 -2.46 17.99 8.78
N GLU B 46 -1.44 18.25 7.98
CA GLU B 46 -1.52 18.10 6.54
C GLU B 46 -0.29 17.38 6.03
N TRP B 47 -0.46 16.53 5.03
CA TRP B 47 0.63 15.77 4.46
C TRP B 47 1.38 16.60 3.43
N VAL B 48 2.71 16.42 3.36
CA VAL B 48 3.58 17.26 2.55
C VAL B 48 4.30 16.46 1.46
N ALA B 49 5.15 15.51 1.86
CA ALA B 49 5.99 14.81 0.90
C ALA B 49 6.43 13.47 1.47
N VAL B 50 7.02 12.65 0.60
CA VAL B 50 7.47 11.31 0.96
C VAL B 50 8.68 10.95 0.09
N ILE B 51 9.59 10.16 0.64
CA ILE B 51 10.77 9.68 -0.08
C ILE B 51 10.91 8.18 0.15
N SER B 52 11.34 7.46 -0.88
CA SER B 52 11.54 6.02 -0.78
C SER B 52 12.75 5.71 0.11
N TYR B 53 13.07 4.43 0.26
CA TYR B 53 14.16 4.09 1.17
C TYR B 53 15.53 4.24 0.52
N ASP B 54 15.59 4.53 -0.78
CA ASP B 54 16.86 4.72 -1.46
C ASP B 54 16.97 6.07 -2.15
N GLY B 55 15.91 6.88 -2.16
CA GLY B 55 15.94 8.19 -2.77
C GLY B 55 15.65 8.22 -4.24
N ASN B 56 15.48 7.07 -4.89
CA ASN B 56 15.25 7.06 -6.33
C ASN B 56 13.83 7.51 -6.68
N GLN B 57 12.86 7.22 -5.84
CA GLN B 57 11.48 7.60 -6.08
C GLN B 57 10.96 8.46 -4.95
N TYR B 58 10.12 9.43 -5.29
CA TYR B 58 9.58 10.35 -4.31
C TYR B 58 8.25 10.87 -4.82
N HIS B 59 7.56 11.62 -3.94
CA HIS B 59 6.27 12.19 -4.28
C HIS B 59 6.02 13.39 -3.39
N SER B 60 5.29 14.36 -3.92
CA SER B 60 5.01 15.60 -3.22
C SER B 60 3.54 15.96 -3.34
N ALA B 61 3.05 16.71 -2.37
CA ALA B 61 1.66 17.15 -2.39
C ALA B 61 1.45 18.18 -3.51
N ASP B 62 0.22 18.25 -4.00
CA ASP B 62 -0.09 19.16 -5.09
C ASP B 62 0.04 20.61 -4.65
N SER B 63 -0.22 20.90 -3.38
CA SER B 63 -0.22 22.30 -2.92
C SER B 63 1.18 22.91 -3.01
N VAL B 64 2.21 22.15 -2.67
CA VAL B 64 3.56 22.68 -2.58
C VAL B 64 4.46 22.12 -3.67
N LYS B 65 3.89 21.54 -4.72
CA LYS B 65 4.70 21.04 -5.81
C LYS B 65 5.36 22.21 -6.54
N GLY B 66 6.63 22.03 -6.92
CA GLY B 66 7.38 23.06 -7.58
C GLY B 66 8.08 24.03 -6.65
N ARG B 67 7.83 23.94 -5.35
CA ARG B 67 8.50 24.79 -4.38
C ARG B 67 9.28 24.01 -3.33
N PHE B 68 8.87 22.79 -3.01
CA PHE B 68 9.49 22.00 -1.96
C PHE B 68 10.22 20.81 -2.57
N THR B 69 11.48 20.63 -2.21
CA THR B 69 12.28 19.51 -2.67
C THR B 69 12.89 18.80 -1.48
N ILE B 70 12.77 17.49 -1.44
CA ILE B 70 13.26 16.69 -0.33
C ILE B 70 14.36 15.76 -0.83
N SER B 71 15.31 15.48 0.06
CA SER B 71 16.47 14.66 -0.27
C SER B 71 16.87 13.85 0.95
N ARG B 72 17.67 12.83 0.73
CA ARG B 72 18.04 11.88 1.77
C ARG B 72 19.49 11.45 1.65
N ASP B 73 20.16 11.36 2.80
CA ASP B 73 21.51 10.80 2.91
C ASP B 73 21.41 9.54 3.74
N ASN B 74 21.64 8.39 3.11
CA ASN B 74 21.43 7.12 3.80
C ASN B 74 22.54 6.82 4.79
N SER B 75 23.79 7.17 4.45
CA SER B 75 24.90 6.86 5.34
C SER B 75 24.92 7.79 6.55
N PHE B 76 24.59 9.06 6.35
CA PHE B 76 24.66 10.05 7.42
C PHE B 76 23.44 10.07 8.32
N ASN B 77 22.41 9.28 8.00
CA ASN B 77 21.20 9.18 8.82
C ASN B 77 20.52 10.52 9.00
N THR B 78 20.50 11.32 7.94
CA THR B 78 19.77 12.58 7.93
C THR B 78 19.00 12.71 6.63
N LEU B 79 17.83 13.36 6.71
CA LEU B 79 17.05 13.70 5.53
C LEU B 79 16.73 15.19 5.58
N TYR B 80 16.75 15.82 4.42
CA TYR B 80 16.61 17.27 4.31
C TYR B 80 15.35 17.63 3.55
N LEU B 81 14.79 18.79 3.88
CA LEU B 81 13.68 19.38 3.16
C LEU B 81 14.07 20.80 2.77
N GLN B 82 13.94 21.13 1.49
CA GLN B 82 14.31 22.43 0.97
C GLN B 82 13.08 23.18 0.51
N MET B 83 12.91 24.41 0.99
CA MET B 83 11.78 25.25 0.61
C MET B 83 12.31 26.44 -0.18
N ASN B 84 11.63 26.78 -1.27
CA ASN B 84 11.97 27.93 -2.08
C ASN B 84 10.75 28.82 -2.23
N SER B 85 10.97 30.14 -2.09
CA SER B 85 9.92 31.14 -2.25
C SER B 85 8.78 30.92 -1.27
N LEU B 86 9.10 31.07 0.02
CA LEU B 86 8.10 30.91 1.07
C LEU B 86 6.99 31.94 0.94
N GLY B 87 5.78 31.50 1.25
CA GLY B 87 4.62 32.35 1.23
C GLY B 87 4.00 32.48 2.61
N PRO B 88 3.05 33.40 2.75
CA PRO B 88 2.44 33.63 4.08
C PRO B 88 1.66 32.44 4.61
N GLU B 89 1.30 31.49 3.75
CA GLU B 89 0.55 30.32 4.17
C GLU B 89 1.43 29.09 4.40
N ASP B 90 2.68 29.31 4.82
CA ASP B 90 3.59 28.23 5.11
C ASP B 90 4.00 28.18 6.57
N THR B 91 3.36 28.98 7.43
CA THR B 91 3.67 28.97 8.85
C THR B 91 3.05 27.74 9.49
N ALA B 92 3.88 26.89 10.08
CA ALA B 92 3.41 25.64 10.67
C ALA B 92 4.48 25.10 11.60
N VAL B 93 4.25 23.89 12.12
CA VAL B 93 5.22 23.19 12.95
C VAL B 93 5.55 21.89 12.22
N TYR B 94 6.61 21.91 11.42
CA TYR B 94 6.91 20.79 10.54
C TYR B 94 7.44 19.62 11.34
N TYR B 95 6.82 18.46 11.17
CA TYR B 95 7.25 17.21 11.77
C TYR B 95 7.78 16.28 10.69
N CYS B 96 8.77 15.48 11.04
CA CYS B 96 9.24 14.40 10.18
C CYS B 96 8.80 13.07 10.79
N ALA B 97 8.15 12.24 9.97
CA ALA B 97 7.49 11.04 10.46
C ALA B 97 8.01 9.82 9.73
N ARG B 98 7.86 8.67 10.38
CA ARG B 98 8.35 7.39 9.87
C ARG B 98 7.20 6.56 9.35
N ASP B 99 7.41 5.89 8.22
CA ASP B 99 6.37 5.07 7.62
C ASP B 99 6.08 3.85 8.49
N GLY B 100 4.84 3.38 8.43
CA GLY B 100 4.40 2.25 9.22
C GLY B 100 4.96 0.93 8.76
N PRO B 101 5.41 0.12 9.72
CA PRO B 101 5.98 -1.20 9.34
C PRO B 101 4.96 -2.15 8.74
N ASP B 102 3.88 -2.44 9.46
CA ASP B 102 2.90 -3.43 9.05
C ASP B 102 1.52 -2.79 8.98
N THR B 103 0.77 -3.12 7.92
CA THR B 103 -0.52 -2.50 7.70
C THR B 103 -1.63 -3.49 7.32
N SER B 104 -1.35 -4.78 7.31
CA SER B 104 -2.37 -5.81 7.08
C SER B 104 -3.06 -5.67 5.73
N GLY B 105 -4.35 -5.34 5.74
CA GLY B 105 -5.13 -5.36 4.51
C GLY B 105 -4.67 -4.34 3.50
N TYR B 106 -4.68 -4.76 2.23
CA TYR B 106 -4.25 -3.95 1.09
C TYR B 106 -2.80 -3.48 1.20
N TYR B 107 -2.32 -2.84 0.14
CA TYR B 107 -0.97 -2.33 0.09
C TYR B 107 -0.90 -0.81 0.01
N ALA B 108 -2.03 -0.14 -0.14
CA ALA B 108 -2.05 1.31 -0.30
C ALA B 108 -2.33 2.05 1.01
N ASN B 109 -2.43 1.34 2.12
CA ASN B 109 -2.69 1.98 3.41
C ASN B 109 -1.37 2.42 4.04
N ILE B 110 -1.32 3.67 4.50
CA ILE B 110 -0.13 4.23 5.10
C ILE B 110 -0.50 4.85 6.44
N TYR B 111 0.41 4.72 7.42
CA TYR B 111 0.21 5.35 8.71
C TYR B 111 1.56 5.66 9.34
N PHE B 112 1.55 6.61 10.27
CA PHE B 112 2.76 7.16 10.86
C PHE B 112 2.85 6.70 12.31
N ASP B 113 3.91 6.00 12.65
CA ASP B 113 4.01 5.40 13.97
C ASP B 113 4.89 6.18 14.93
N PHE B 114 5.97 6.79 14.46
CA PHE B 114 6.88 7.53 15.34
C PHE B 114 7.08 8.93 14.78
N TRP B 115 6.90 9.93 15.63
CA TRP B 115 6.99 11.33 15.25
C TRP B 115 8.16 12.00 15.95
N GLY B 116 8.63 13.09 15.35
CA GLY B 116 9.71 13.85 15.94
C GLY B 116 9.22 14.84 16.97
N GLN B 117 9.71 16.07 16.92
CA GLN B 117 9.29 17.13 17.83
C GLN B 117 8.77 18.36 17.10
N GLY B 118 9.38 18.72 15.98
CA GLY B 118 8.90 19.84 15.20
C GLY B 118 9.69 21.10 15.42
N THR B 119 9.70 21.96 14.40
CA THR B 119 10.37 23.25 14.46
C THR B 119 9.39 24.32 14.00
N LEU B 120 9.36 25.43 14.73
CA LEU B 120 8.44 26.51 14.41
C LEU B 120 9.00 27.33 13.26
N VAL B 121 8.29 27.33 12.14
CA VAL B 121 8.68 28.10 10.96
C VAL B 121 7.60 29.14 10.70
N THR B 122 7.98 30.41 10.65
CA THR B 122 7.05 31.49 10.40
C THR B 122 7.67 32.49 9.42
N VAL B 123 6.82 33.16 8.68
CA VAL B 123 7.23 34.13 7.68
C VAL B 123 6.52 35.45 7.98
N SER B 124 7.29 36.53 8.05
CA SER B 124 6.75 37.86 8.32
C SER B 124 7.85 38.88 8.01
N SER B 125 7.62 40.12 8.40
CA SER B 125 8.57 41.19 8.17
C SER B 125 8.42 42.30 9.21
N THR C 1 -24.56 -29.50 -5.33
CA THR C 1 -25.24 -28.21 -5.44
C THR C 1 -24.47 -27.10 -4.74
N ASN C 2 -23.23 -27.40 -4.37
CA ASN C 2 -22.39 -26.41 -3.72
C ASN C 2 -21.99 -25.33 -4.70
N LEU C 3 -22.15 -24.07 -4.32
CA LEU C 3 -21.68 -22.97 -5.15
C LEU C 3 -20.16 -23.01 -5.21
N CYS C 4 -19.62 -22.58 -6.35
CA CYS C 4 -18.21 -22.94 -6.37
C CYS C 4 -17.36 -21.75 -5.94
N PRO C 5 -16.32 -21.97 -5.12
CA PRO C 5 -15.62 -20.84 -4.50
C PRO C 5 -14.72 -20.08 -5.45
N PHE C 6 -15.29 -19.15 -6.22
CA PHE C 6 -14.52 -18.23 -7.04
C PHE C 6 -14.33 -16.87 -6.37
N GLY C 7 -14.75 -16.75 -5.11
CA GLY C 7 -14.75 -15.46 -4.45
C GLY C 7 -13.52 -15.20 -3.60
N GLU C 8 -12.84 -16.27 -3.20
CA GLU C 8 -11.62 -16.15 -2.41
C GLU C 8 -10.38 -16.24 -3.27
N VAL C 9 -10.53 -16.20 -4.59
CA VAL C 9 -9.40 -16.13 -5.51
C VAL C 9 -9.38 -14.80 -6.26
N PHE C 10 -10.53 -14.33 -6.71
CA PHE C 10 -10.59 -13.06 -7.41
C PHE C 10 -10.55 -11.86 -6.46
N ASN C 11 -11.15 -11.99 -5.28
CA ASN C 11 -11.21 -10.90 -4.30
C ASN C 11 -10.22 -11.08 -3.14
N ALA C 12 -9.16 -11.85 -3.34
CA ALA C 12 -8.14 -11.94 -2.30
C ALA C 12 -7.47 -10.59 -2.09
N THR C 13 -7.11 -10.29 -0.85
CA THR C 13 -6.55 -8.99 -0.54
C THR C 13 -5.19 -8.80 -1.20
N ARG C 14 -4.31 -9.78 -1.08
CA ARG C 14 -2.94 -9.68 -1.60
C ARG C 14 -2.65 -10.88 -2.47
N PHE C 15 -2.34 -10.64 -3.74
CA PHE C 15 -1.82 -11.71 -4.58
C PHE C 15 -0.34 -11.94 -4.32
N ALA C 16 0.16 -13.04 -4.84
CA ALA C 16 1.55 -13.42 -4.64
C ALA C 16 2.41 -12.92 -5.77
N SER C 17 3.72 -12.93 -5.54
CA SER C 17 4.67 -12.51 -6.56
C SER C 17 4.65 -13.49 -7.72
N VAL C 18 5.01 -12.99 -8.90
CA VAL C 18 4.92 -13.83 -10.10
C VAL C 18 5.87 -15.02 -9.99
N TYR C 19 7.04 -14.82 -9.40
CA TYR C 19 8.01 -15.90 -9.31
C TYR C 19 7.62 -16.99 -8.32
N ALA C 20 6.59 -16.77 -7.52
CA ALA C 20 6.10 -17.75 -6.56
C ALA C 20 4.58 -17.86 -6.64
N TRP C 21 4.07 -18.00 -7.86
CA TRP C 21 2.63 -17.96 -8.08
C TRP C 21 1.93 -19.06 -7.29
N ASN C 22 0.75 -18.73 -6.76
CA ASN C 22 -0.01 -19.63 -5.91
C ASN C 22 -1.12 -20.31 -6.69
N ARG C 23 -1.22 -21.63 -6.54
CA ARG C 23 -2.18 -22.45 -7.27
C ARG C 23 -3.20 -23.04 -6.31
N LYS C 24 -4.47 -23.02 -6.70
CA LYS C 24 -5.54 -23.61 -5.90
C LYS C 24 -6.30 -24.63 -6.72
N ARG C 25 -6.58 -25.78 -6.11
CA ARG C 25 -7.37 -26.81 -6.76
C ARG C 25 -8.85 -26.55 -6.55
N ILE C 26 -9.66 -26.94 -7.53
CA ILE C 26 -11.10 -26.79 -7.46
C ILE C 26 -11.75 -28.13 -7.77
N SER C 27 -12.59 -28.62 -6.86
CA SER C 27 -13.25 -29.90 -7.02
C SER C 27 -14.67 -29.81 -6.50
N ASN C 28 -15.49 -30.75 -6.93
CA ASN C 28 -16.92 -30.81 -6.57
C ASN C 28 -17.55 -29.49 -6.99
N CYS C 29 -18.32 -28.82 -6.14
CA CYS C 29 -18.90 -27.50 -6.40
C CYS C 29 -19.71 -27.46 -7.70
N VAL C 30 -20.16 -26.27 -8.08
CA VAL C 30 -20.91 -26.08 -9.32
C VAL C 30 -20.45 -24.76 -9.94
N ALA C 31 -19.62 -24.84 -10.97
CA ALA C 31 -19.08 -23.63 -11.56
C ALA C 31 -20.17 -22.85 -12.31
N ASP C 32 -19.98 -21.54 -12.38
CA ASP C 32 -20.90 -20.68 -13.10
C ASP C 32 -20.05 -19.56 -13.70
N TYR C 33 -19.69 -19.72 -14.97
CA TYR C 33 -18.81 -18.78 -15.64
C TYR C 33 -19.55 -17.62 -16.29
N SER C 34 -20.88 -17.67 -16.34
CA SER C 34 -21.62 -16.58 -16.96
C SER C 34 -21.46 -15.28 -16.17
N VAL C 35 -21.41 -15.38 -14.85
CA VAL C 35 -21.26 -14.18 -14.03
C VAL C 35 -19.89 -13.56 -14.22
N LEU C 36 -18.85 -14.38 -14.32
CA LEU C 36 -17.51 -13.86 -14.55
C LEU C 36 -17.40 -13.17 -15.90
N TYR C 37 -17.96 -13.78 -16.94
CA TYR C 37 -17.83 -13.23 -18.28
C TYR C 37 -18.68 -11.98 -18.48
N ASN C 38 -19.70 -11.77 -17.66
CA ASN C 38 -20.56 -10.61 -17.78
C ASN C 38 -20.22 -9.52 -16.78
N SER C 39 -19.09 -9.64 -16.08
CA SER C 39 -18.71 -8.60 -15.12
C SER C 39 -18.35 -7.30 -15.82
N ALA C 40 -17.77 -7.37 -17.02
CA ALA C 40 -17.44 -6.20 -17.83
C ALA C 40 -16.46 -5.27 -17.12
N SER C 41 -15.67 -5.81 -16.19
CA SER C 41 -14.62 -5.06 -15.53
C SER C 41 -13.22 -5.54 -15.90
N PHE C 42 -13.10 -6.69 -16.56
CA PHE C 42 -11.81 -7.21 -17.01
C PHE C 42 -11.47 -6.63 -18.37
N SER C 43 -10.21 -6.28 -18.56
CA SER C 43 -9.74 -5.75 -19.83
C SER C 43 -9.15 -6.83 -20.73
N THR C 44 -9.17 -8.09 -20.32
CA THR C 44 -8.60 -9.16 -21.13
C THR C 44 -9.24 -10.48 -20.71
N PHE C 45 -9.91 -11.14 -21.66
CA PHE C 45 -10.55 -12.44 -21.41
C PHE C 45 -10.35 -13.28 -22.67
N LYS C 46 -9.26 -14.03 -22.70
CA LYS C 46 -8.89 -14.84 -23.86
C LYS C 46 -9.02 -16.30 -23.49
N CYS C 47 -9.75 -17.06 -24.30
CA CYS C 47 -9.97 -18.48 -24.04
C CYS C 47 -9.46 -19.30 -25.21
N TYR C 48 -8.60 -20.26 -24.92
CA TYR C 48 -7.97 -21.11 -25.93
C TYR C 48 -8.63 -22.47 -25.94
N GLY C 49 -9.12 -22.89 -27.11
CA GLY C 49 -9.69 -24.20 -27.27
C GLY C 49 -11.13 -24.33 -26.85
N VAL C 50 -11.75 -23.27 -26.35
CA VAL C 50 -13.16 -23.31 -25.97
C VAL C 50 -13.68 -21.87 -25.94
N SER C 51 -14.86 -21.67 -26.51
CA SER C 51 -15.44 -20.33 -26.52
C SER C 51 -16.05 -20.03 -25.15
N PRO C 52 -15.94 -18.80 -24.67
CA PRO C 52 -16.47 -18.48 -23.34
C PRO C 52 -17.97 -18.67 -23.22
N THR C 53 -18.73 -18.42 -24.28
CA THR C 53 -20.18 -18.48 -24.18
C THR C 53 -20.64 -19.91 -23.89
N LYS C 54 -20.01 -20.89 -24.51
CA LYS C 54 -20.39 -22.29 -24.35
C LYS C 54 -19.78 -22.93 -23.11
N LEU C 55 -19.37 -22.13 -22.13
CA LEU C 55 -18.70 -22.67 -20.95
C LEU C 55 -19.67 -23.14 -19.87
N ASN C 56 -20.97 -22.97 -20.06
CA ASN C 56 -21.96 -23.42 -19.10
C ASN C 56 -22.63 -24.73 -19.52
N ASP C 57 -22.07 -25.43 -20.49
CA ASP C 57 -22.72 -26.62 -21.01
C ASP C 57 -21.84 -27.87 -20.99
N LEU C 58 -20.55 -27.74 -20.72
CA LEU C 58 -19.66 -28.89 -20.64
C LEU C 58 -18.91 -28.84 -19.31
N CYS C 59 -18.49 -30.01 -18.84
CA CYS C 59 -17.78 -30.08 -17.57
C CYS C 59 -16.64 -31.09 -17.53
N PHE C 60 -15.81 -30.91 -16.50
CA PHE C 60 -14.44 -31.37 -16.42
C PHE C 60 -14.26 -32.23 -15.18
N THR C 61 -13.06 -32.78 -15.01
CA THR C 61 -12.79 -33.54 -13.80
C THR C 61 -12.30 -32.64 -12.67
N ASN C 62 -11.38 -31.71 -12.98
CA ASN C 62 -10.90 -30.76 -11.99
C ASN C 62 -10.45 -29.49 -12.71
N VAL C 63 -10.37 -28.39 -11.96
CA VAL C 63 -10.02 -27.09 -12.52
C VAL C 63 -8.91 -26.49 -11.67
N TYR C 64 -7.84 -26.04 -12.33
CA TYR C 64 -6.72 -25.42 -11.66
C TYR C 64 -6.78 -23.91 -11.84
N ALA C 65 -6.48 -23.17 -10.79
CA ALA C 65 -6.51 -21.71 -10.82
C ALA C 65 -5.29 -21.18 -10.11
N ASP C 66 -4.44 -20.46 -10.82
CA ASP C 66 -3.24 -19.86 -10.25
C ASP C 66 -3.16 -18.40 -10.64
N SER C 67 -2.70 -17.56 -9.71
CA SER C 67 -2.78 -16.12 -9.85
C SER C 67 -1.49 -15.45 -9.42
N PHE C 68 -1.23 -14.27 -9.98
CA PHE C 68 -0.05 -13.48 -9.67
C PHE C 68 -0.28 -12.06 -10.17
N VAL C 69 0.71 -11.20 -9.96
CA VAL C 69 0.63 -9.80 -10.37
C VAL C 69 1.89 -9.44 -11.15
N ILE C 70 1.71 -8.86 -12.33
CA ILE C 70 2.81 -8.50 -13.21
C ILE C 70 2.57 -7.10 -13.77
N ARG C 71 3.56 -6.61 -14.49
CA ARG C 71 3.53 -5.27 -15.08
C ARG C 71 2.45 -5.19 -16.16
N GLY C 72 2.12 -3.96 -16.53
CA GLY C 72 1.13 -3.73 -17.56
C GLY C 72 1.59 -3.99 -18.98
N ASP C 73 2.90 -4.00 -19.22
CA ASP C 73 3.44 -4.27 -20.54
C ASP C 73 3.76 -5.73 -20.78
N GLU C 74 3.85 -6.54 -19.73
CA GLU C 74 4.15 -7.95 -19.86
C GLU C 74 2.90 -8.80 -19.93
N VAL C 75 1.71 -8.20 -19.94
CA VAL C 75 0.49 -8.99 -19.96
C VAL C 75 0.35 -9.79 -21.25
N ARG C 76 1.02 -9.35 -22.32
CA ARG C 76 0.93 -10.06 -23.59
C ARG C 76 1.86 -11.27 -23.66
N GLN C 77 2.70 -11.47 -22.65
CA GLN C 77 3.56 -12.64 -22.61
C GLN C 77 2.90 -13.85 -22.00
N ILE C 78 1.71 -13.69 -21.40
CA ILE C 78 0.98 -14.83 -20.83
C ILE C 78 0.07 -15.34 -21.94
N ALA C 79 0.65 -16.17 -22.80
CA ALA C 79 -0.04 -16.75 -23.95
C ALA C 79 0.82 -17.89 -24.49
N PRO C 80 0.23 -18.93 -25.08
CA PRO C 80 1.05 -20.05 -25.55
C PRO C 80 1.91 -19.64 -26.72
N GLY C 81 3.21 -19.92 -26.61
CA GLY C 81 4.14 -19.61 -27.67
C GLY C 81 4.58 -18.16 -27.70
N GLN C 82 5.08 -17.67 -26.56
CA GLN C 82 5.56 -16.30 -26.46
C GLN C 82 6.87 -16.28 -25.69
N THR C 83 7.67 -15.26 -25.94
CA THR C 83 9.00 -15.14 -25.35
C THR C 83 9.15 -13.80 -24.66
N GLY C 84 9.98 -13.78 -23.63
CA GLY C 84 10.21 -12.60 -22.85
C GLY C 84 10.81 -12.96 -21.51
N LYS C 85 11.06 -11.94 -20.70
CA LYS C 85 11.66 -12.19 -19.40
C LYS C 85 10.69 -12.81 -18.42
N ILE C 86 9.39 -12.73 -18.67
CA ILE C 86 8.40 -13.36 -17.81
C ILE C 86 8.13 -14.79 -18.24
N ALA C 87 7.94 -15.02 -19.53
CA ALA C 87 7.62 -16.35 -20.02
C ALA C 87 8.80 -17.30 -19.97
N ASP C 88 10.02 -16.78 -19.87
CA ASP C 88 11.17 -17.67 -19.87
C ASP C 88 11.61 -18.06 -18.46
N TYR C 89 11.48 -17.16 -17.50
CA TYR C 89 12.04 -17.40 -16.17
C TYR C 89 11.00 -17.51 -15.07
N ASN C 90 9.75 -17.14 -15.31
CA ASN C 90 8.76 -17.09 -14.25
C ASN C 90 7.56 -17.99 -14.48
N TYR C 91 6.89 -17.88 -15.62
CA TYR C 91 5.66 -18.63 -15.87
C TYR C 91 5.60 -19.02 -17.32
N LYS C 92 5.46 -20.32 -17.60
CA LYS C 92 5.47 -20.83 -18.96
C LYS C 92 4.20 -21.63 -19.20
N LEU C 93 3.56 -21.37 -20.35
CA LEU C 93 2.34 -22.05 -20.74
C LEU C 93 2.64 -23.06 -21.84
N PRO C 94 2.15 -24.30 -21.74
CA PRO C 94 2.42 -25.28 -22.78
C PRO C 94 1.74 -24.90 -24.09
N ASP C 95 2.30 -25.38 -25.19
CA ASP C 95 1.80 -25.00 -26.51
C ASP C 95 0.43 -25.58 -26.81
N ASP C 96 0.04 -26.69 -26.18
CA ASP C 96 -1.28 -27.27 -26.34
C ASP C 96 -2.20 -26.91 -25.19
N PHE C 97 -2.07 -25.68 -24.69
CA PHE C 97 -2.86 -25.21 -23.56
C PHE C 97 -4.34 -25.13 -23.95
N THR C 98 -5.20 -25.38 -22.96
CA THR C 98 -6.65 -25.25 -23.14
C THR C 98 -7.26 -24.64 -21.87
N GLY C 99 -7.51 -23.34 -21.92
CA GLY C 99 -8.03 -22.64 -20.77
C GLY C 99 -8.34 -21.20 -21.11
N CYS C 100 -8.45 -20.38 -20.08
CA CYS C 100 -8.78 -18.97 -20.25
C CYS C 100 -7.83 -18.12 -19.42
N VAL C 101 -7.52 -16.93 -19.94
CA VAL C 101 -6.61 -15.99 -19.29
C VAL C 101 -7.39 -14.71 -19.00
N ILE C 102 -7.42 -14.31 -17.74
CA ILE C 102 -8.20 -13.16 -17.29
C ILE C 102 -7.28 -12.18 -16.57
N ALA C 103 -7.38 -10.90 -16.93
CA ALA C 103 -6.57 -9.88 -16.28
C ALA C 103 -7.34 -8.58 -16.23
N TRP C 104 -7.02 -7.76 -15.23
CA TRP C 104 -7.68 -6.47 -15.06
C TRP C 104 -6.77 -5.53 -14.29
N ASN C 105 -6.86 -4.25 -14.61
CA ASN C 105 -6.02 -3.25 -13.97
C ASN C 105 -6.38 -3.13 -12.49
N SER C 106 -5.35 -3.02 -11.65
CA SER C 106 -5.54 -2.97 -10.21
C SER C 106 -4.64 -1.92 -9.58
N ASN C 107 -4.62 -0.72 -10.16
CA ASN C 107 -3.75 0.33 -9.67
C ASN C 107 -4.15 0.76 -8.26
N ASN C 108 -5.45 0.79 -7.96
CA ASN C 108 -5.91 1.34 -6.69
C ASN C 108 -5.63 0.44 -5.51
N LEU C 109 -5.20 -0.80 -5.72
CA LEU C 109 -5.02 -1.73 -4.63
C LEU C 109 -3.59 -2.15 -4.39
N ASP C 110 -2.72 -2.09 -5.40
CA ASP C 110 -1.39 -2.68 -5.29
C ASP C 110 -0.26 -1.65 -5.37
N SER C 111 -0.59 -0.35 -5.39
CA SER C 111 0.43 0.68 -5.49
C SER C 111 0.18 1.77 -4.46
N LYS C 112 1.24 2.18 -3.78
CA LYS C 112 1.15 3.20 -2.74
C LYS C 112 2.18 4.29 -2.98
N VAL C 113 1.88 5.49 -2.49
CA VAL C 113 2.80 6.60 -2.65
C VAL C 113 4.11 6.30 -1.94
N GLY C 114 5.22 6.72 -2.55
CA GLY C 114 6.53 6.36 -2.07
C GLY C 114 7.05 5.06 -2.62
N GLY C 115 6.26 4.34 -3.40
CA GLY C 115 6.72 3.13 -4.04
C GLY C 115 6.35 1.86 -3.29
N ASN C 116 5.90 0.84 -4.01
CA ASN C 116 5.62 -0.47 -3.45
C ASN C 116 6.67 -1.45 -3.94
N TYR C 117 7.36 -2.11 -3.01
CA TYR C 117 8.47 -2.99 -3.34
C TYR C 117 8.28 -4.40 -2.80
N ASN C 118 7.03 -4.83 -2.59
CA ASN C 118 6.77 -6.17 -2.09
C ASN C 118 6.53 -7.19 -3.20
N TYR C 119 6.61 -6.77 -4.46
CA TYR C 119 6.42 -7.66 -5.59
C TYR C 119 7.75 -7.85 -6.30
N LEU C 120 8.16 -9.11 -6.46
CA LEU C 120 9.43 -9.44 -7.06
C LEU C 120 9.22 -10.27 -8.32
N TYR C 121 10.24 -10.31 -9.17
CA TYR C 121 10.23 -11.15 -10.36
C TYR C 121 11.64 -11.57 -10.68
N ARG C 122 11.80 -12.84 -11.06
CA ARG C 122 13.11 -13.36 -11.38
C ARG C 122 13.65 -12.69 -12.64
N LEU C 123 14.96 -12.47 -12.67
CA LEU C 123 15.58 -11.77 -13.78
C LEU C 123 16.82 -12.45 -14.32
N PHE C 124 17.46 -13.33 -13.57
CA PHE C 124 18.65 -14.04 -14.03
C PHE C 124 18.45 -15.54 -13.84
N ARG C 125 18.78 -16.31 -14.86
CA ARG C 125 18.67 -17.76 -14.80
C ARG C 125 19.52 -18.36 -15.92
N LYS C 126 19.90 -19.62 -15.74
CA LYS C 126 20.76 -20.30 -16.69
C LYS C 126 20.01 -21.07 -17.76
N SER C 127 18.70 -21.25 -17.62
CA SER C 127 17.93 -21.96 -18.64
C SER C 127 16.46 -21.62 -18.47
N ASN C 128 15.70 -21.83 -19.54
CA ASN C 128 14.27 -21.51 -19.54
C ASN C 128 13.49 -22.55 -18.76
N LEU C 129 12.24 -22.23 -18.47
CA LEU C 129 11.38 -23.09 -17.67
C LEU C 129 10.57 -24.02 -18.55
N LYS C 130 10.40 -25.26 -18.08
CA LYS C 130 9.41 -26.14 -18.67
C LYS C 130 8.03 -25.64 -18.32
N PRO C 131 7.00 -26.00 -19.09
CA PRO C 131 5.65 -25.52 -18.80
C PRO C 131 5.20 -25.93 -17.40
N PHE C 132 4.56 -24.98 -16.70
CA PHE C 132 3.99 -25.20 -15.39
C PHE C 132 5.04 -25.68 -14.38
N GLU C 133 6.01 -24.80 -14.12
CA GLU C 133 7.07 -25.06 -13.17
C GLU C 133 7.30 -23.81 -12.33
N ARG C 134 7.81 -24.00 -11.12
CA ARG C 134 8.20 -22.90 -10.27
C ARG C 134 9.63 -23.11 -9.78
N ASP C 135 10.30 -22.02 -9.45
CA ASP C 135 11.57 -22.07 -8.75
C ASP C 135 11.61 -20.92 -7.75
N ILE C 136 12.05 -21.22 -6.53
CA ILE C 136 12.07 -20.22 -5.48
C ILE C 136 13.45 -20.18 -4.84
N SER C 137 14.42 -20.86 -5.45
CA SER C 137 15.78 -20.81 -4.95
C SER C 137 16.41 -19.47 -5.32
N THR C 138 17.08 -18.85 -4.36
CA THR C 138 17.71 -17.55 -4.53
C THR C 138 19.21 -17.64 -4.43
N GLU C 139 19.79 -18.73 -4.94
CA GLU C 139 21.23 -18.87 -4.95
C GLU C 139 21.86 -17.80 -5.83
N ILE C 140 23.05 -17.33 -5.42
CA ILE C 140 23.67 -16.22 -6.12
C ILE C 140 23.98 -16.61 -7.55
N TYR C 141 23.70 -15.70 -8.48
CA TYR C 141 23.90 -15.96 -9.89
C TYR C 141 25.37 -15.92 -10.24
N GLN C 142 25.78 -16.81 -11.14
CA GLN C 142 27.17 -16.93 -11.57
C GLN C 142 27.29 -16.38 -12.98
N ALA C 143 27.99 -15.26 -13.12
CA ALA C 143 28.21 -14.64 -14.42
C ALA C 143 29.70 -14.39 -14.60
N GLY C 144 30.14 -14.41 -15.85
CA GLY C 144 31.55 -14.25 -16.15
C GLY C 144 32.31 -15.55 -16.05
N SER C 145 33.54 -15.51 -15.57
CA SER C 145 34.37 -16.69 -15.45
C SER C 145 34.73 -17.03 -14.01
N THR C 146 35.10 -16.04 -13.21
CA THR C 146 35.53 -16.30 -11.85
C THR C 146 34.36 -16.80 -11.01
N PRO C 147 34.50 -17.92 -10.32
CA PRO C 147 33.40 -18.40 -9.47
C PRO C 147 33.32 -17.63 -8.18
N CYS C 148 32.09 -17.37 -7.74
CA CYS C 148 31.82 -16.62 -6.53
C CYS C 148 30.72 -17.29 -5.73
N ASN C 149 30.80 -17.17 -4.41
CA ASN C 149 29.84 -17.78 -3.52
C ASN C 149 29.52 -16.83 -2.37
N GLY C 150 28.22 -16.62 -2.14
CA GLY C 150 27.76 -15.83 -1.02
C GLY C 150 28.15 -14.37 -1.09
N VAL C 151 28.58 -13.91 -2.27
CA VAL C 151 29.02 -12.54 -2.46
C VAL C 151 28.36 -12.01 -3.73
N GLU C 152 28.18 -10.70 -3.77
CA GLU C 152 27.51 -10.04 -4.88
C GLU C 152 28.36 -8.90 -5.44
N GLY C 153 29.68 -8.98 -5.27
CA GLY C 153 30.56 -7.89 -5.63
C GLY C 153 30.61 -7.57 -7.10
N PHE C 154 31.20 -8.46 -7.90
CA PHE C 154 31.41 -8.21 -9.32
C PHE C 154 31.01 -9.45 -10.11
N ASN C 155 30.16 -9.25 -11.12
CA ASN C 155 29.69 -10.32 -12.00
C ASN C 155 29.01 -11.44 -11.21
N CYS C 156 28.41 -11.09 -10.08
CA CYS C 156 27.62 -12.01 -9.27
C CYS C 156 26.40 -11.23 -8.79
N TYR C 157 25.26 -11.48 -9.39
CA TYR C 157 24.08 -10.64 -9.22
C TYR C 157 23.02 -11.38 -8.44
N PHE C 158 22.32 -10.67 -7.57
CA PHE C 158 21.18 -11.25 -6.89
C PHE C 158 20.08 -11.52 -7.91
N PRO C 159 19.53 -12.73 -7.96
CA PRO C 159 18.57 -13.06 -9.02
C PRO C 159 17.29 -12.25 -8.98
N LEU C 160 16.59 -12.26 -7.86
CA LEU C 160 15.28 -11.62 -7.81
C LEU C 160 15.41 -10.10 -7.83
N GLN C 161 14.63 -9.47 -8.69
CA GLN C 161 14.52 -8.02 -8.75
C GLN C 161 13.19 -7.59 -8.17
N SER C 162 13.08 -6.30 -7.83
CA SER C 162 11.90 -5.77 -7.17
C SER C 162 11.14 -4.83 -8.09
N TYR C 163 9.86 -5.10 -8.27
CA TYR C 163 9.00 -4.17 -8.99
C TYR C 163 8.84 -2.89 -8.19
N GLY C 164 8.85 -1.75 -8.88
CA GLY C 164 8.58 -0.49 -8.22
C GLY C 164 7.27 0.10 -8.72
N PHE C 165 6.23 0.05 -7.89
CA PHE C 165 4.90 0.49 -8.28
C PHE C 165 4.57 1.80 -7.57
N GLN C 166 4.12 2.78 -8.33
CA GLN C 166 3.66 4.05 -7.81
C GLN C 166 2.35 4.43 -8.48
N PRO C 167 1.45 5.11 -7.77
CA PRO C 167 0.16 5.46 -8.37
C PRO C 167 0.26 6.42 -9.52
N THR C 168 1.38 7.14 -9.66
CA THR C 168 1.52 8.14 -10.71
C THR C 168 2.18 7.59 -11.97
N ASN C 169 2.50 6.30 -12.02
CA ASN C 169 3.15 5.75 -13.19
C ASN C 169 2.22 5.77 -14.38
N GLY C 170 2.78 5.54 -15.56
CA GLY C 170 2.01 5.49 -16.78
C GLY C 170 1.18 4.22 -16.84
N VAL C 171 0.37 4.13 -17.90
CA VAL C 171 -0.50 2.97 -18.05
C VAL C 171 0.32 1.71 -18.25
N GLY C 172 1.47 1.82 -18.89
CA GLY C 172 2.31 0.66 -19.12
C GLY C 172 3.12 0.21 -17.94
N TYR C 173 3.02 0.90 -16.80
CA TYR C 173 3.77 0.54 -15.62
C TYR C 173 2.91 0.17 -14.43
N GLN C 174 1.61 0.45 -14.47
CA GLN C 174 0.76 0.14 -13.34
C GLN C 174 0.56 -1.38 -13.23
N PRO C 175 0.40 -1.89 -12.01
CA PRO C 175 0.29 -3.33 -11.83
C PRO C 175 -1.01 -3.88 -12.40
N TYR C 176 -0.96 -5.14 -12.81
CA TYR C 176 -2.13 -5.85 -13.31
C TYR C 176 -2.25 -7.18 -12.59
N ARG C 177 -3.48 -7.59 -12.29
CA ARG C 177 -3.75 -8.86 -11.65
C ARG C 177 -4.18 -9.87 -12.70
N VAL C 178 -3.57 -11.04 -12.68
CA VAL C 178 -3.80 -12.07 -13.68
C VAL C 178 -4.28 -13.33 -12.97
N VAL C 179 -5.30 -13.97 -13.54
CA VAL C 179 -5.76 -15.28 -13.10
C VAL C 179 -5.88 -16.17 -14.32
N VAL C 180 -5.28 -17.36 -14.24
CA VAL C 180 -5.24 -18.31 -15.35
C VAL C 180 -5.94 -19.58 -14.92
N LEU C 181 -6.88 -20.04 -15.73
CA LEU C 181 -7.55 -21.31 -15.48
C LEU C 181 -6.99 -22.39 -16.39
N SER C 182 -7.38 -23.64 -16.13
CA SER C 182 -6.94 -24.74 -16.97
C SER C 182 -7.91 -25.90 -16.82
N PHE C 183 -8.21 -26.54 -17.95
CA PHE C 183 -9.19 -27.62 -18.01
C PHE C 183 -8.52 -28.81 -18.68
N GLU C 184 -8.78 -30.02 -18.16
CA GLU C 184 -8.19 -31.21 -18.79
C GLU C 184 -9.10 -31.79 -19.87
N LEU C 185 -10.40 -31.88 -19.60
CA LEU C 185 -11.38 -32.35 -20.59
C LEU C 185 -11.01 -33.73 -21.13
N LEU C 186 -10.68 -34.67 -20.24
CA LEU C 186 -10.33 -36.01 -20.69
C LEU C 186 -10.50 -37.00 -19.54
N HIS C 187 -11.19 -38.10 -19.83
CA HIS C 187 -11.31 -39.28 -18.97
C HIS C 187 -11.92 -38.96 -17.60
N ALA C 188 -12.12 -40.00 -16.78
CA ALA C 188 -12.53 -39.89 -15.38
C ALA C 188 -13.95 -39.37 -15.24
N PRO C 189 -14.63 -39.64 -14.12
CA PRO C 189 -15.93 -39.02 -13.88
C PRO C 189 -15.80 -37.53 -13.61
N ALA C 190 -16.66 -36.75 -14.27
CA ALA C 190 -16.61 -35.31 -14.15
C ALA C 190 -17.13 -34.84 -12.80
N THR C 191 -16.71 -33.64 -12.39
CA THR C 191 -17.08 -33.11 -11.08
C THR C 191 -17.52 -31.65 -11.07
N VAL C 192 -17.31 -30.87 -12.13
CA VAL C 192 -17.56 -29.43 -12.03
C VAL C 192 -18.40 -28.89 -13.19
N CYS C 193 -19.72 -28.84 -13.01
CA CYS C 193 -20.58 -28.26 -14.03
C CYS C 193 -22.00 -28.05 -13.52
N GLY C 194 -22.66 -27.07 -14.14
CA GLY C 194 -24.02 -26.69 -13.80
C GLY C 194 -24.46 -25.44 -14.52
#